data_5ZBH
#
_entry.id   5ZBH
#
_cell.length_a   76.580
_cell.length_b   126.240
_cell.length_c   169.820
_cell.angle_alpha   90.00
_cell.angle_beta   90.00
_cell.angle_gamma   90.00
#
_symmetry.space_group_name_H-M   'C 2 2 21'
#
loop_
_entity.id
_entity.type
_entity.pdbx_description
1 polymer 'Neuropeptide Y receptor type 1,T4 Lysozyme,Neuropeptide Y receptor type 1'
2 non-polymer 'dimethyl 4-{3-[({3-[4-(3-methoxyphenyl)piperidin-1-yl]propyl}carbamoyl)amino]phenyl}-2,6-dimethyl-1,4-dihydropyridine-3,5-dicarboxylate'
#
_entity_poly.entity_id   1
_entity_poly.type   'polypeptide(L)'
_entity_poly.pdbx_seq_one_letter_code
;DYKDDDDGAPNSTLFSQVENHSVHSNFSEKNAQLLAFENDDCHLPLAMIFTLALAYGAVIILGVSGNLALIIIILKQKEM
RNVTNILIVNLSFSDLLVAIMCLPFTFVYTLMDHWVFGEAMCKLNPFVQCVSITVSIWSLVLIAVERHQLIINPRGWRPN
NRHAYVGIAVIWVLAVASSLPFLIYQVMTDEPFQNVTLDAYKDKYVCFDQFPSDSHRLSYTTLLLVLQYFGPLCFIFICY
FKIYIRLKRRNIFEMLRIDEGLRLKIYKDTEGYYTIGIGHLLTKSPSLNAAKSELDKAIGRNTNGVITKDEAEKLFNQDV
DAAVRGILRNAKLKPVYDSLDAVRRAALINMVFQMGETGVAGFTNSLRMLQQKRWDEAAVNLAKSRWYNQTPNRAKRVIT
TFRTGTWDAYDNKYRSSETKRINIMLLSIVVAFAVCWLPLTIFNTVFDWNHQIIATCNHNLLFLLCHLTAMISTCVNPIF
YGFLNKNFQRDLQFFFNFCDFRSRDDDYETIAMSTMHTDEFLEVLFQ
;
_entity_poly.pdbx_strand_id   A
#
# COMPACT_ATOMS: atom_id res chain seq x y z
N ASP A 40 27.62 -33.03 22.80
CA ASP A 40 27.03 -32.06 21.90
C ASP A 40 27.94 -30.84 21.63
N ASP A 41 28.97 -30.63 22.51
CA ASP A 41 29.96 -29.53 22.46
C ASP A 41 29.32 -28.14 22.32
N CYS A 42 28.12 -27.97 22.93
CA CYS A 42 27.29 -26.76 22.86
C CYS A 42 27.55 -25.78 24.02
N HIS A 43 27.51 -24.46 23.71
CA HIS A 43 27.70 -23.34 24.64
C HIS A 43 27.18 -22.01 24.07
N LEU A 44 26.00 -21.56 24.54
CA LEU A 44 25.37 -20.29 24.14
C LEU A 44 25.68 -19.23 25.23
N PRO A 45 26.20 -18.03 24.87
CA PRO A 45 26.58 -17.05 25.91
C PRO A 45 25.43 -16.28 26.52
N LEU A 46 25.57 -15.88 27.81
CA LEU A 46 24.56 -15.09 28.53
C LEU A 46 24.59 -13.62 28.06
N ALA A 47 25.65 -13.24 27.31
CA ALA A 47 25.85 -11.92 26.71
C ALA A 47 24.89 -11.75 25.52
N MET A 48 24.45 -12.87 24.91
CA MET A 48 23.51 -12.92 23.79
C MET A 48 22.09 -13.10 24.32
N ILE A 49 21.92 -14.05 25.28
CA ILE A 49 20.67 -14.42 25.95
C ILE A 49 19.97 -13.22 26.58
N PHE A 50 20.69 -12.42 27.40
CA PHE A 50 20.10 -11.24 28.04
C PHE A 50 19.77 -10.13 27.04
N THR A 51 20.65 -9.90 26.04
CA THR A 51 20.48 -8.93 24.95
C THR A 51 19.23 -9.26 24.14
N LEU A 52 18.98 -10.57 23.91
CA LEU A 52 17.80 -11.06 23.20
C LEU A 52 16.56 -10.92 24.08
N ALA A 53 16.67 -11.21 25.40
CA ALA A 53 15.56 -11.09 26.35
C ALA A 53 15.08 -9.64 26.46
N LEU A 54 16.03 -8.68 26.37
CA LEU A 54 15.78 -7.23 26.36
C LEU A 54 15.06 -6.88 25.05
N ALA A 55 15.59 -7.35 23.91
CA ALA A 55 15.05 -7.13 22.56
C ALA A 55 13.64 -7.71 22.39
N TYR A 56 13.36 -8.92 22.92
CA TYR A 56 12.04 -9.55 22.86
C TYR A 56 11.03 -8.83 23.75
N GLY A 57 11.48 -8.47 24.96
CA GLY A 57 10.69 -7.70 25.93
C GLY A 57 10.31 -6.32 25.42
N ALA A 58 11.19 -5.71 24.61
CA ALA A 58 10.97 -4.41 23.99
C ALA A 58 9.90 -4.53 22.90
N VAL A 59 9.93 -5.62 22.11
CA VAL A 59 8.99 -5.94 21.03
C VAL A 59 7.62 -6.35 21.62
N ILE A 60 7.58 -6.73 22.92
CA ILE A 60 6.32 -7.05 23.60
C ILE A 60 5.68 -5.74 24.03
N ILE A 61 6.41 -4.91 24.81
CA ILE A 61 5.90 -3.63 25.34
C ILE A 61 5.62 -2.62 24.22
N LEU A 62 6.31 -2.72 23.07
CA LEU A 62 6.07 -1.83 21.91
C LEU A 62 4.94 -2.38 21.04
N GLY A 63 4.89 -3.71 20.91
CA GLY A 63 3.89 -4.42 20.13
C GLY A 63 2.55 -4.47 20.80
N VAL A 64 2.42 -5.30 21.86
CA VAL A 64 1.19 -5.53 22.65
C VAL A 64 0.46 -4.22 22.97
N SER A 65 1.20 -3.20 23.47
CA SER A 65 0.63 -1.90 23.81
C SER A 65 0.22 -1.08 22.58
N GLY A 66 1.10 -1.02 21.58
CA GLY A 66 0.88 -0.30 20.32
C GLY A 66 -0.28 -0.81 19.51
N ASN A 67 -0.38 -2.15 19.36
CA ASN A 67 -1.47 -2.82 18.64
C ASN A 67 -2.80 -2.69 19.40
N LEU A 68 -2.75 -2.69 20.75
CA LEU A 68 -3.94 -2.53 21.57
C LEU A 68 -4.38 -1.06 21.58
N ALA A 69 -3.41 -0.13 21.40
CA ALA A 69 -3.69 1.32 21.35
C ALA A 69 -4.36 1.68 20.03
N LEU A 70 -3.87 1.08 18.92
CA LEU A 70 -4.38 1.25 17.55
C LEU A 70 -5.86 0.83 17.48
N ILE A 71 -6.19 -0.35 18.10
CA ILE A 71 -7.55 -0.91 18.19
C ILE A 71 -8.46 0.06 18.95
N ILE A 72 -8.13 0.34 20.23
CA ILE A 72 -8.86 1.21 21.16
C ILE A 72 -9.16 2.59 20.55
N ILE A 73 -8.17 3.22 19.90
CA ILE A 73 -8.31 4.53 19.27
C ILE A 73 -9.35 4.48 18.13
N ILE A 74 -9.14 3.62 17.11
CA ILE A 74 -10.05 3.46 15.96
C ILE A 74 -11.47 3.04 16.38
N LEU A 75 -11.59 2.09 17.33
CA LEU A 75 -12.89 1.59 17.80
C LEU A 75 -13.77 2.66 18.49
N LYS A 76 -13.28 3.28 19.58
CA LYS A 76 -14.05 4.30 20.33
C LYS A 76 -14.19 5.62 19.56
N GLN A 77 -13.21 5.94 18.68
CA GLN A 77 -13.23 7.11 17.83
C GLN A 77 -14.03 6.75 16.57
N LYS A 78 -15.37 6.85 16.67
CA LYS A 78 -16.31 6.56 15.59
C LYS A 78 -16.15 7.61 14.48
N GLU A 79 -16.34 7.18 13.21
CA GLU A 79 -16.20 7.95 11.95
C GLU A 79 -14.73 7.95 11.47
N MET A 80 -13.81 7.48 12.33
CA MET A 80 -12.40 7.24 12.05
C MET A 80 -12.28 5.74 11.79
N ARG A 81 -13.39 5.02 12.04
CA ARG A 81 -13.57 3.59 11.82
C ARG A 81 -14.14 3.31 10.41
N ASN A 82 -13.31 3.56 9.38
CA ASN A 82 -13.67 3.31 7.98
C ASN A 82 -13.19 1.91 7.55
N VAL A 83 -13.60 1.44 6.35
CA VAL A 83 -13.27 0.11 5.79
C VAL A 83 -11.78 -0.24 5.94
N THR A 84 -10.89 0.72 5.62
CA THR A 84 -9.43 0.56 5.73
C THR A 84 -9.00 0.37 7.19
N ASN A 85 -9.52 1.24 8.08
CA ASN A 85 -9.21 1.24 9.52
C ASN A 85 -9.77 0.03 10.26
N ILE A 86 -10.91 -0.51 9.82
CA ILE A 86 -11.54 -1.71 10.39
C ILE A 86 -10.65 -2.93 10.11
N LEU A 87 -10.03 -2.98 8.92
CA LEU A 87 -9.12 -4.03 8.49
C LEU A 87 -7.75 -3.91 9.19
N ILE A 88 -7.38 -2.68 9.61
CA ILE A 88 -6.14 -2.38 10.35
C ILE A 88 -6.28 -2.89 11.80
N VAL A 89 -7.50 -2.77 12.38
CA VAL A 89 -7.87 -3.25 13.72
C VAL A 89 -7.81 -4.79 13.73
N ASN A 90 -8.28 -5.42 12.63
CA ASN A 90 -8.26 -6.87 12.41
C ASN A 90 -6.83 -7.35 12.25
N LEU A 91 -5.98 -6.55 11.58
CA LEU A 91 -4.57 -6.83 11.33
C LEU A 91 -3.76 -6.80 12.63
N SER A 92 -3.99 -5.79 13.50
CA SER A 92 -3.29 -5.66 14.78
C SER A 92 -3.87 -6.60 15.86
N PHE A 93 -5.06 -7.18 15.63
CA PHE A 93 -5.63 -8.13 16.56
C PHE A 93 -4.89 -9.47 16.41
N SER A 94 -4.54 -9.84 15.16
CA SER A 94 -3.80 -11.08 14.86
C SER A 94 -2.37 -10.98 15.38
N ASP A 95 -1.78 -9.77 15.30
CA ASP A 95 -0.43 -9.44 15.78
C ASP A 95 -0.35 -9.38 17.31
N LEU A 96 -1.53 -9.40 17.97
CA LEU A 96 -1.67 -9.43 19.43
C LEU A 96 -1.61 -10.90 19.85
N LEU A 97 -2.19 -11.81 19.04
CA LEU A 97 -2.20 -13.26 19.27
C LEU A 97 -0.81 -13.87 19.17
N VAL A 98 -0.06 -13.60 18.07
CA VAL A 98 1.29 -14.12 17.87
C VAL A 98 2.25 -13.60 18.98
N ALA A 99 2.02 -12.37 19.48
CA ALA A 99 2.81 -11.77 20.56
C ALA A 99 2.55 -12.45 21.91
N ILE A 100 1.30 -12.89 22.16
CA ILE A 100 0.94 -13.56 23.42
C ILE A 100 1.16 -15.08 23.35
N MET A 101 0.46 -15.76 22.43
CA MET A 101 0.46 -17.22 22.25
C MET A 101 1.74 -17.85 21.67
N CYS A 102 2.53 -17.11 20.85
CA CYS A 102 3.70 -17.68 20.17
C CYS A 102 5.05 -17.11 20.59
N LEU A 103 5.20 -15.76 20.63
CA LEU A 103 6.46 -15.05 20.92
C LEU A 103 7.22 -15.55 22.17
N PRO A 104 6.68 -15.51 23.42
CA PRO A 104 7.52 -15.93 24.57
C PRO A 104 7.81 -17.42 24.68
N PHE A 105 6.85 -18.25 24.25
CA PHE A 105 6.94 -19.71 24.30
C PHE A 105 8.01 -20.26 23.36
N THR A 106 8.19 -19.64 22.17
CA THR A 106 9.22 -20.04 21.20
C THR A 106 10.63 -19.67 21.69
N PHE A 107 10.80 -18.48 22.30
CA PHE A 107 12.08 -18.00 22.84
C PHE A 107 12.54 -18.86 24.00
N VAL A 108 11.64 -19.14 24.96
CA VAL A 108 11.94 -19.96 26.13
C VAL A 108 12.25 -21.40 25.72
N TYR A 109 11.45 -22.00 24.81
CA TYR A 109 11.68 -23.38 24.34
C TYR A 109 13.02 -23.53 23.66
N THR A 110 13.46 -22.52 22.88
CA THR A 110 14.74 -22.55 22.16
C THR A 110 15.91 -22.71 23.14
N LEU A 111 15.86 -22.00 24.28
CA LEU A 111 16.88 -22.01 25.33
C LEU A 111 16.78 -23.23 26.26
N MET A 112 15.87 -24.18 25.95
CA MET A 112 15.67 -25.41 26.71
C MET A 112 15.65 -26.63 25.80
N ASP A 113 15.95 -27.83 26.35
CA ASP A 113 15.89 -29.07 25.59
C ASP A 113 14.55 -29.82 25.84
N HIS A 114 13.53 -29.08 26.33
CA HIS A 114 12.19 -29.60 26.66
C HIS A 114 11.13 -28.48 26.80
N TRP A 115 9.88 -28.82 26.39
CA TRP A 115 8.68 -27.98 26.41
C TRP A 115 8.00 -28.06 27.78
N VAL A 116 7.94 -26.92 28.47
CA VAL A 116 7.36 -26.82 29.81
C VAL A 116 5.98 -26.14 29.85
N PHE A 117 5.30 -26.02 28.70
CA PHE A 117 4.02 -25.30 28.63
C PHE A 117 2.78 -26.19 28.29
N GLY A 118 2.98 -27.49 28.13
CA GLY A 118 1.92 -28.46 27.87
C GLY A 118 1.52 -28.64 26.42
N GLU A 119 0.77 -29.73 26.14
CA GLU A 119 0.29 -30.11 24.80
C GLU A 119 -0.55 -29.02 24.15
N ALA A 120 -1.37 -28.31 24.96
CA ALA A 120 -2.25 -27.23 24.53
C ALA A 120 -1.47 -26.09 23.90
N MET A 121 -0.44 -25.57 24.60
CA MET A 121 0.41 -24.49 24.11
C MET A 121 1.36 -24.93 22.99
N CYS A 122 1.66 -26.24 22.93
CA CYS A 122 2.53 -26.85 21.93
C CYS A 122 1.87 -26.86 20.55
N LYS A 123 0.69 -27.48 20.45
CA LYS A 123 -0.10 -27.58 19.22
C LYS A 123 -0.50 -26.20 18.68
N LEU A 124 -0.86 -25.25 19.59
CA LEU A 124 -1.28 -23.90 19.22
C LEU A 124 -0.18 -23.05 18.60
N ASN A 125 1.07 -23.21 19.08
CA ASN A 125 2.24 -22.43 18.62
C ASN A 125 2.36 -22.32 17.08
N PRO A 126 2.50 -23.41 16.25
CA PRO A 126 2.57 -23.21 14.80
C PRO A 126 1.24 -22.78 14.16
N PHE A 127 0.11 -23.25 14.72
CA PHE A 127 -1.23 -22.94 14.23
C PHE A 127 -1.54 -21.44 14.36
N VAL A 128 -1.59 -20.89 15.59
CA VAL A 128 -1.85 -19.47 15.91
C VAL A 128 -0.86 -18.52 15.20
N GLN A 129 0.38 -18.98 14.92
CA GLN A 129 1.37 -18.19 14.18
C GLN A 129 0.98 -18.17 12.69
N CYS A 130 0.61 -19.34 12.12
CA CYS A 130 0.18 -19.49 10.73
C CYS A 130 -1.09 -18.69 10.43
N VAL A 131 -2.12 -18.80 11.32
CA VAL A 131 -3.41 -18.07 11.23
C VAL A 131 -3.13 -16.57 11.14
N SER A 132 -2.22 -16.06 12.02
CA SER A 132 -1.79 -14.66 12.11
C SER A 132 -1.15 -14.14 10.82
N ILE A 133 -0.21 -14.92 10.22
CA ILE A 133 0.47 -14.57 8.95
C ILE A 133 -0.60 -14.48 7.85
N THR A 134 -1.50 -15.50 7.78
CA THR A 134 -2.59 -15.63 6.80
C THR A 134 -3.60 -14.48 6.92
N VAL A 135 -4.15 -14.22 8.13
CA VAL A 135 -5.10 -13.12 8.40
C VAL A 135 -4.49 -11.79 7.95
N SER A 136 -3.22 -11.52 8.36
CA SER A 136 -2.49 -10.32 7.99
C SER A 136 -2.36 -10.20 6.46
N ILE A 137 -2.04 -11.32 5.76
CA ILE A 137 -1.90 -11.37 4.30
C ILE A 137 -3.22 -11.00 3.60
N TRP A 138 -4.35 -11.62 4.00
CA TRP A 138 -5.66 -11.36 3.40
C TRP A 138 -6.22 -10.00 3.76
N SER A 139 -5.94 -9.52 4.98
CA SER A 139 -6.39 -8.20 5.43
C SER A 139 -5.65 -7.12 4.64
N LEU A 140 -4.34 -7.34 4.34
CA LEU A 140 -3.54 -6.45 3.52
C LEU A 140 -4.02 -6.48 2.05
N VAL A 141 -4.46 -7.68 1.57
CA VAL A 141 -5.02 -7.87 0.21
C VAL A 141 -6.28 -6.99 0.10
N LEU A 142 -7.22 -7.16 1.06
CA LEU A 142 -8.49 -6.44 1.14
C LEU A 142 -8.36 -4.92 1.20
N ILE A 143 -7.31 -4.41 1.90
CA ILE A 143 -7.00 -3.00 2.02
C ILE A 143 -6.62 -2.47 0.63
N ALA A 144 -5.74 -3.21 -0.09
CA ALA A 144 -5.27 -2.88 -1.45
C ALA A 144 -6.39 -2.81 -2.49
N VAL A 145 -7.44 -3.66 -2.32
CA VAL A 145 -8.61 -3.71 -3.21
C VAL A 145 -9.51 -2.51 -2.90
N GLU A 146 -9.65 -2.15 -1.60
CA GLU A 146 -10.46 -1.01 -1.15
C GLU A 146 -9.86 0.32 -1.60
N ARG A 147 -8.51 0.44 -1.52
CA ARG A 147 -7.77 1.64 -1.95
C ARG A 147 -7.87 1.81 -3.47
N HIS A 148 -7.86 0.68 -4.21
CA HIS A 148 -7.98 0.66 -5.66
C HIS A 148 -9.37 1.06 -6.12
N GLN A 149 -10.40 0.74 -5.32
CA GLN A 149 -11.77 1.12 -5.66
C GLN A 149 -11.97 2.62 -5.40
N LEU A 150 -11.29 3.15 -4.38
CA LEU A 150 -11.32 4.57 -4.02
C LEU A 150 -10.63 5.45 -5.06
N ILE A 151 -9.52 5.00 -5.67
CA ILE A 151 -8.83 5.81 -6.69
C ILE A 151 -9.58 5.81 -8.03
N ILE A 152 -10.31 4.71 -8.35
CA ILE A 152 -11.10 4.57 -9.58
C ILE A 152 -12.38 5.44 -9.49
N ASN A 153 -13.05 5.40 -8.33
CA ASN A 153 -14.29 6.12 -8.06
C ASN A 153 -14.31 6.74 -6.63
N PRO A 154 -13.67 7.92 -6.38
CA PRO A 154 -13.71 8.49 -5.01
C PRO A 154 -14.99 9.25 -4.68
N ARG A 155 -15.61 9.86 -5.70
CA ARG A 155 -16.82 10.68 -5.61
C ARG A 155 -18.04 9.91 -5.09
N GLY A 156 -18.38 8.80 -5.76
CA GLY A 156 -19.54 7.97 -5.41
C GLY A 156 -19.27 6.75 -4.55
N TRP A 157 -18.01 6.54 -4.11
CA TRP A 157 -17.69 5.38 -3.26
C TRP A 157 -17.96 5.67 -1.79
N ARG A 158 -19.16 5.28 -1.33
CA ARG A 158 -19.63 5.42 0.04
C ARG A 158 -19.91 4.01 0.54
N PRO A 159 -18.88 3.27 1.01
CA PRO A 159 -19.11 1.87 1.40
C PRO A 159 -19.63 1.66 2.82
N ASN A 160 -20.73 0.91 2.93
CA ASN A 160 -21.30 0.50 4.20
C ASN A 160 -20.38 -0.60 4.72
N ASN A 161 -19.80 -0.40 5.92
CA ASN A 161 -18.83 -1.28 6.57
C ASN A 161 -19.20 -2.78 6.64
N ARG A 162 -20.48 -3.14 6.36
CA ARG A 162 -20.94 -4.53 6.41
C ARG A 162 -20.14 -5.48 5.50
N HIS A 163 -19.68 -4.98 4.31
CA HIS A 163 -18.86 -5.75 3.38
C HIS A 163 -17.45 -6.02 3.95
N ALA A 164 -16.97 -5.13 4.88
CA ALA A 164 -15.69 -5.29 5.55
C ALA A 164 -15.81 -6.36 6.62
N TYR A 165 -16.93 -6.35 7.39
CA TYR A 165 -17.23 -7.34 8.44
C TYR A 165 -17.38 -8.73 7.81
N VAL A 166 -17.92 -8.79 6.57
CA VAL A 166 -18.09 -10.00 5.76
C VAL A 166 -16.70 -10.51 5.38
N GLY A 167 -15.84 -9.58 4.93
CA GLY A 167 -14.47 -9.84 4.54
C GLY A 167 -13.64 -10.45 5.65
N ILE A 168 -13.59 -9.78 6.82
CA ILE A 168 -12.82 -10.23 8.00
C ILE A 168 -13.28 -11.63 8.47
N ALA A 169 -14.60 -11.94 8.40
CA ALA A 169 -15.16 -13.24 8.78
C ALA A 169 -14.70 -14.32 7.83
N VAL A 170 -14.76 -14.06 6.51
CA VAL A 170 -14.30 -14.98 5.47
C VAL A 170 -12.77 -15.20 5.62
N ILE A 171 -11.98 -14.11 5.83
CA ILE A 171 -10.53 -14.14 6.06
C ILE A 171 -10.17 -15.07 7.22
N TRP A 172 -10.84 -14.91 8.39
CA TRP A 172 -10.59 -15.73 9.57
C TRP A 172 -10.97 -17.20 9.39
N VAL A 173 -12.07 -17.48 8.64
CA VAL A 173 -12.48 -18.87 8.38
C VAL A 173 -11.48 -19.54 7.42
N LEU A 174 -11.07 -18.82 6.36
CA LEU A 174 -10.06 -19.21 5.36
C LEU A 174 -8.70 -19.48 6.05
N ALA A 175 -8.32 -18.61 7.02
CA ALA A 175 -7.05 -18.71 7.74
C ALA A 175 -6.99 -19.91 8.68
N VAL A 176 -8.08 -20.14 9.46
CA VAL A 176 -8.17 -21.25 10.41
C VAL A 176 -8.12 -22.57 9.64
N ALA A 177 -8.90 -22.67 8.54
CA ALA A 177 -8.96 -23.85 7.67
C ALA A 177 -7.60 -24.21 7.06
N SER A 178 -6.93 -23.25 6.37
CA SER A 178 -5.62 -23.45 5.72
C SER A 178 -4.48 -23.75 6.70
N SER A 179 -4.59 -23.29 7.96
CA SER A 179 -3.59 -23.49 9.01
C SER A 179 -3.80 -24.78 9.81
N LEU A 180 -5.00 -25.38 9.74
CA LEU A 180 -5.38 -26.58 10.51
C LEU A 180 -4.33 -27.70 10.58
N PRO A 181 -3.68 -28.17 9.46
CA PRO A 181 -2.70 -29.26 9.57
C PRO A 181 -1.56 -29.06 10.58
N PHE A 182 -1.16 -27.79 10.85
CA PHE A 182 -0.12 -27.45 11.82
C PHE A 182 -0.59 -27.83 13.23
N LEU A 183 -1.85 -27.52 13.56
CA LEU A 183 -2.49 -27.82 14.85
C LEU A 183 -2.64 -29.34 15.01
N ILE A 184 -3.15 -30.02 13.96
CA ILE A 184 -3.40 -31.46 13.93
C ILE A 184 -2.09 -32.26 14.05
N TYR A 185 -1.07 -31.90 13.24
CA TYR A 185 0.19 -32.63 13.17
C TYR A 185 1.31 -32.14 14.10
N GLN A 186 1.08 -31.12 14.95
CA GLN A 186 2.11 -30.74 15.94
C GLN A 186 1.91 -31.67 17.13
N VAL A 187 3.01 -32.26 17.61
CA VAL A 187 3.01 -33.26 18.67
C VAL A 187 3.85 -32.86 19.89
N MET A 188 3.43 -33.34 21.08
CA MET A 188 4.15 -33.18 22.35
C MET A 188 4.33 -34.57 23.01
N THR A 189 5.44 -35.25 22.68
CA THR A 189 5.73 -36.57 23.26
C THR A 189 6.99 -36.53 24.12
N ASP A 190 7.02 -37.37 25.18
CA ASP A 190 8.15 -37.51 26.11
C ASP A 190 9.22 -38.46 25.58
N GLU A 191 9.11 -38.84 24.29
CA GLU A 191 10.02 -39.72 23.57
C GLU A 191 10.85 -38.91 22.56
N PRO A 192 11.91 -38.18 22.98
CA PRO A 192 12.71 -37.44 22.00
C PRO A 192 13.53 -38.33 21.09
N PHE A 193 13.65 -37.87 19.85
CA PHE A 193 14.40 -38.42 18.71
C PHE A 193 15.90 -38.41 19.01
N GLN A 194 16.34 -37.43 19.83
CA GLN A 194 17.73 -37.18 20.21
C GLN A 194 17.92 -37.16 21.75
N ASN A 195 19.17 -37.38 22.21
CA ASN A 195 19.54 -37.39 23.62
C ASN A 195 19.41 -36.02 24.29
N VAL A 196 18.52 -35.94 25.28
CA VAL A 196 18.20 -34.75 26.10
C VAL A 196 18.87 -34.97 27.49
N THR A 197 19.17 -33.88 28.23
CA THR A 197 19.79 -33.93 29.56
C THR A 197 18.92 -34.69 30.57
N LEU A 198 19.54 -35.56 31.39
CA LEU A 198 18.84 -36.42 32.34
C LEU A 198 18.21 -35.68 33.52
N ASP A 199 16.94 -36.02 33.84
CA ASP A 199 16.14 -35.54 34.96
C ASP A 199 15.19 -36.66 35.40
N ALA A 200 15.66 -37.47 36.36
CA ALA A 200 14.97 -38.65 36.90
C ALA A 200 13.66 -38.40 37.62
N TYR A 201 13.42 -37.16 38.11
CA TYR A 201 12.23 -36.81 38.91
C TYR A 201 11.02 -36.31 38.10
N LYS A 202 11.23 -35.87 36.85
CA LYS A 202 10.16 -35.40 35.98
C LYS A 202 10.31 -35.98 34.57
N ASP A 203 9.18 -36.17 33.85
CA ASP A 203 9.21 -36.67 32.47
C ASP A 203 9.33 -35.49 31.52
N LYS A 204 10.46 -35.43 30.78
CA LYS A 204 10.76 -34.36 29.83
C LYS A 204 10.03 -34.59 28.52
N TYR A 205 9.24 -33.59 28.08
CA TYR A 205 8.45 -33.62 26.84
C TYR A 205 9.10 -32.69 25.81
N VAL A 206 9.02 -33.05 24.53
CA VAL A 206 9.52 -32.24 23.41
C VAL A 206 8.37 -31.86 22.47
N CYS A 207 8.36 -30.59 22.01
CA CYS A 207 7.33 -30.06 21.10
C CYS A 207 7.88 -30.01 19.68
N PHE A 208 7.42 -30.92 18.79
CA PHE A 208 7.88 -30.98 17.41
C PHE A 208 6.74 -31.30 16.41
N ASP A 209 6.97 -31.03 15.12
CA ASP A 209 6.03 -31.31 14.02
C ASP A 209 6.14 -32.79 13.60
N GLN A 210 4.99 -33.49 13.56
CA GLN A 210 4.92 -34.90 13.18
C GLN A 210 3.86 -35.15 12.12
N PHE A 211 4.08 -34.60 10.91
CA PHE A 211 3.21 -34.72 9.74
C PHE A 211 3.13 -36.18 9.20
N PRO A 212 2.15 -36.57 8.33
CA PRO A 212 2.11 -37.96 7.83
C PRO A 212 3.45 -38.48 7.28
N SER A 213 4.16 -37.60 6.55
CA SER A 213 5.47 -37.86 5.96
C SER A 213 6.12 -36.53 5.60
N ASP A 214 7.39 -36.58 5.13
CA ASP A 214 8.15 -35.40 4.72
C ASP A 214 7.56 -34.79 3.45
N SER A 215 6.99 -35.61 2.54
CA SER A 215 6.34 -35.14 1.31
C SER A 215 5.03 -34.45 1.65
N HIS A 216 4.28 -34.98 2.64
CA HIS A 216 3.03 -34.39 3.12
C HIS A 216 3.31 -33.02 3.73
N ARG A 217 4.36 -32.93 4.58
CA ARG A 217 4.78 -31.68 5.20
C ARG A 217 5.28 -30.70 4.16
N LEU A 218 6.21 -31.15 3.28
CA LEU A 218 6.83 -30.30 2.26
C LEU A 218 5.85 -29.78 1.24
N SER A 219 4.88 -30.63 0.80
CA SER A 219 3.85 -30.26 -0.16
C SER A 219 2.92 -29.19 0.43
N TYR A 220 2.51 -29.37 1.71
CA TYR A 220 1.66 -28.44 2.44
C TYR A 220 2.36 -27.10 2.58
N THR A 221 3.61 -27.12 3.07
CA THR A 221 4.49 -25.97 3.30
C THR A 221 4.82 -25.19 2.01
N THR A 222 5.10 -25.88 0.87
CA THR A 222 5.46 -25.19 -0.37
C THR A 222 4.26 -24.53 -1.01
N LEU A 223 3.07 -25.16 -1.03
CA LEU A 223 1.92 -24.45 -1.59
C LEU A 223 1.42 -23.38 -0.61
N LEU A 224 1.72 -23.51 0.70
CA LEU A 224 1.39 -22.51 1.70
C LEU A 224 2.24 -21.28 1.42
N LEU A 225 3.56 -21.46 1.29
CA LEU A 225 4.52 -20.41 0.99
C LEU A 225 4.25 -19.76 -0.38
N VAL A 226 3.89 -20.56 -1.40
CA VAL A 226 3.67 -20.04 -2.76
C VAL A 226 2.26 -19.39 -2.92
N LEU A 227 1.17 -20.10 -2.57
CA LEU A 227 -0.20 -19.62 -2.73
C LEU A 227 -0.73 -18.69 -1.63
N GLN A 228 -0.15 -18.71 -0.43
CA GLN A 228 -0.63 -17.86 0.67
C GLN A 228 0.34 -16.75 1.07
N TYR A 229 1.61 -16.82 0.62
CA TYR A 229 2.61 -15.79 0.93
C TYR A 229 3.03 -15.04 -0.32
N PHE A 230 3.79 -15.66 -1.24
CA PHE A 230 4.22 -14.98 -2.47
C PHE A 230 3.05 -14.53 -3.33
N GLY A 231 2.15 -15.45 -3.66
CA GLY A 231 0.96 -15.22 -4.48
C GLY A 231 0.19 -13.96 -4.10
N PRO A 232 -0.50 -13.94 -2.92
CA PRO A 232 -1.22 -12.73 -2.52
C PRO A 232 -0.37 -11.46 -2.50
N LEU A 233 0.87 -11.51 -1.96
CA LEU A 233 1.77 -10.35 -1.93
C LEU A 233 1.98 -9.75 -3.31
N CYS A 234 2.23 -10.58 -4.34
CA CYS A 234 2.43 -10.14 -5.72
C CYS A 234 1.24 -9.34 -6.21
N PHE A 235 0.03 -9.83 -5.89
CA PHE A 235 -1.23 -9.18 -6.21
C PHE A 235 -1.36 -7.82 -5.48
N ILE A 236 -0.93 -7.76 -4.19
CA ILE A 236 -0.98 -6.53 -3.38
C ILE A 236 -0.18 -5.42 -4.07
N PHE A 237 1.09 -5.73 -4.45
CA PHE A 237 1.98 -4.80 -5.15
C PHE A 237 1.42 -4.41 -6.54
N ILE A 238 0.75 -5.37 -7.23
CA ILE A 238 0.10 -5.13 -8.53
C ILE A 238 -0.96 -4.05 -8.37
N CYS A 239 -1.82 -4.15 -7.33
CA CYS A 239 -2.85 -3.16 -7.03
C CYS A 239 -2.27 -1.79 -6.77
N TYR A 240 -1.24 -1.71 -5.89
CA TYR A 240 -0.61 -0.44 -5.51
C TYR A 240 0.11 0.25 -6.69
N PHE A 241 0.53 -0.54 -7.70
CA PHE A 241 1.14 -0.01 -8.91
C PHE A 241 0.00 0.60 -9.74
N LYS A 242 -1.10 -0.16 -9.92
CA LYS A 242 -2.29 0.26 -10.65
C LYS A 242 -2.91 1.52 -10.01
N ILE A 243 -2.82 1.65 -8.67
CA ILE A 243 -3.30 2.81 -7.89
C ILE A 243 -2.48 4.06 -8.29
N TYR A 244 -1.15 3.94 -8.25
CA TYR A 244 -0.18 4.97 -8.61
C TYR A 244 -0.41 5.49 -10.03
N ILE A 245 -0.58 4.57 -11.00
CA ILE A 245 -0.79 4.87 -12.42
C ILE A 245 -2.10 5.67 -12.65
N ARG A 246 -3.21 5.26 -12.01
CA ARG A 246 -4.51 5.94 -12.11
C ARG A 246 -4.51 7.28 -11.34
N LEU A 247 -3.62 7.43 -10.35
CA LEU A 247 -3.49 8.65 -9.57
C LEU A 247 -2.75 9.74 -10.34
N LYS A 248 -1.80 9.35 -11.21
CA LYS A 248 -1.04 10.25 -12.08
C LYS A 248 -1.95 10.91 -13.12
N ARG A 249 -2.92 10.14 -13.67
CA ARG A 249 -3.90 10.57 -14.67
C ARG A 249 -5.01 11.42 -14.08
N ARG A 250 -5.29 11.25 -12.77
CA ARG A 250 -6.32 12.02 -12.09
C ARG A 250 -5.74 13.33 -11.56
N ASN A 251 -4.40 13.36 -11.37
CA ASN A 251 -3.66 14.55 -10.94
C ASN A 251 -3.62 15.53 -12.09
N ILE A 252 -3.53 15.01 -13.35
CA ILE A 252 -3.56 15.78 -14.59
C ILE A 252 -4.96 16.39 -14.78
N PHE A 253 -6.01 15.72 -14.26
CA PHE A 253 -7.40 16.16 -14.32
C PHE A 253 -7.64 17.35 -13.40
N GLU A 254 -7.11 17.30 -12.17
CA GLU A 254 -7.22 18.36 -11.16
C GLU A 254 -6.52 19.66 -11.63
N MET A 255 -5.40 19.51 -12.39
CA MET A 255 -4.58 20.60 -12.93
C MET A 255 -5.37 21.40 -13.95
N LEU A 256 -6.00 20.72 -14.91
CA LEU A 256 -6.79 21.33 -15.96
C LEU A 256 -8.14 21.84 -15.45
N ARG A 257 -8.68 21.24 -14.35
CA ARG A 257 -9.93 21.64 -13.71
C ARG A 257 -9.81 23.08 -13.19
N ILE A 258 -8.70 23.38 -12.50
CA ILE A 258 -8.36 24.69 -11.92
C ILE A 258 -8.08 25.73 -13.03
N ASP A 259 -7.49 25.31 -14.15
CA ASP A 259 -7.11 26.21 -15.24
C ASP A 259 -8.17 26.36 -16.34
N GLU A 260 -8.44 25.31 -17.14
CA GLU A 260 -9.42 25.37 -18.22
C GLU A 260 -10.88 25.43 -17.71
N GLY A 261 -11.11 24.94 -16.50
CA GLY A 261 -12.43 24.97 -15.87
C GLY A 261 -13.33 23.82 -16.25
N LEU A 262 -14.00 23.25 -15.24
CA LEU A 262 -14.93 22.13 -15.38
C LEU A 262 -16.37 22.62 -15.44
N ARG A 263 -17.04 22.48 -16.61
CA ARG A 263 -18.44 22.89 -16.83
C ARG A 263 -19.28 21.70 -17.29
N LEU A 264 -20.39 21.45 -16.59
CA LEU A 264 -21.30 20.33 -16.85
C LEU A 264 -22.36 20.62 -17.93
N LYS A 265 -22.43 21.87 -18.42
CA LYS A 265 -23.38 22.29 -19.46
C LYS A 265 -22.63 22.77 -20.72
N ILE A 266 -23.22 22.55 -21.92
CA ILE A 266 -22.62 22.97 -23.20
C ILE A 266 -22.52 24.50 -23.21
N TYR A 267 -21.29 25.02 -23.28
CA TYR A 267 -20.98 26.44 -23.25
C TYR A 267 -20.20 26.91 -24.47
N LYS A 268 -20.46 28.15 -24.92
CA LYS A 268 -19.77 28.75 -26.05
C LYS A 268 -18.43 29.28 -25.55
N ASP A 269 -17.31 28.80 -26.15
CA ASP A 269 -15.96 29.21 -25.76
C ASP A 269 -15.54 30.56 -26.40
N THR A 270 -14.31 31.02 -26.12
CA THR A 270 -13.73 32.29 -26.62
C THR A 270 -13.73 32.34 -28.16
N GLU A 271 -13.46 31.17 -28.81
CA GLU A 271 -13.44 30.98 -30.26
C GLU A 271 -14.81 31.21 -30.90
N GLY A 272 -15.88 30.81 -30.20
CA GLY A 272 -17.26 30.94 -30.67
C GLY A 272 -17.96 29.62 -30.92
N TYR A 273 -17.21 28.50 -30.81
CA TYR A 273 -17.73 27.14 -31.01
C TYR A 273 -18.18 26.52 -29.68
N TYR A 274 -19.03 25.47 -29.75
CA TYR A 274 -19.57 24.83 -28.56
C TYR A 274 -18.61 23.82 -27.92
N THR A 275 -18.41 23.94 -26.59
CA THR A 275 -17.55 23.07 -25.77
C THR A 275 -18.29 22.55 -24.53
N ILE A 276 -17.73 21.49 -23.87
CA ILE A 276 -18.29 20.87 -22.66
C ILE A 276 -17.18 20.18 -21.84
N GLY A 277 -17.21 20.40 -20.52
CA GLY A 277 -16.22 19.84 -19.60
C GLY A 277 -14.96 20.67 -19.56
N ILE A 278 -13.80 20.04 -19.78
CA ILE A 278 -12.52 20.72 -19.76
C ILE A 278 -11.98 20.89 -21.22
N GLY A 279 -12.41 21.99 -21.84
CA GLY A 279 -12.04 22.42 -23.19
C GLY A 279 -12.22 21.40 -24.31
N HIS A 280 -13.31 20.61 -24.25
CA HIS A 280 -13.61 19.60 -25.27
C HIS A 280 -14.58 20.18 -26.30
N LEU A 281 -14.09 20.41 -27.53
CA LEU A 281 -14.89 20.96 -28.62
C LEU A 281 -15.77 19.90 -29.25
N LEU A 282 -17.06 20.23 -29.42
CA LEU A 282 -18.07 19.34 -30.00
C LEU A 282 -18.10 19.46 -31.54
N THR A 283 -18.41 20.68 -32.06
CA THR A 283 -18.45 21.03 -33.49
C THR A 283 -18.30 22.53 -33.71
N LYS A 284 -17.71 22.89 -34.87
CA LYS A 284 -17.54 24.29 -35.30
C LYS A 284 -18.85 24.85 -35.90
N SER A 285 -19.92 24.01 -35.93
CA SER A 285 -21.26 24.33 -36.41
C SER A 285 -21.96 25.32 -35.46
N PRO A 286 -22.63 26.37 -35.99
CA PRO A 286 -23.27 27.36 -35.11
C PRO A 286 -24.60 26.92 -34.48
N SER A 287 -25.19 25.79 -34.94
CA SER A 287 -26.45 25.29 -34.39
C SER A 287 -26.20 24.51 -33.10
N LEU A 288 -26.93 24.88 -32.02
CA LEU A 288 -26.84 24.28 -30.69
C LEU A 288 -27.32 22.81 -30.70
N ASN A 289 -28.32 22.50 -31.55
CA ASN A 289 -28.87 21.15 -31.72
C ASN A 289 -27.88 20.24 -32.45
N ALA A 290 -27.08 20.80 -33.38
CA ALA A 290 -26.05 20.09 -34.15
C ALA A 290 -24.87 19.76 -33.22
N ALA A 291 -24.56 20.68 -32.28
CA ALA A 291 -23.51 20.52 -31.29
C ALA A 291 -23.94 19.53 -30.19
N LYS A 292 -25.24 19.54 -29.83
CA LYS A 292 -25.84 18.64 -28.84
C LYS A 292 -25.80 17.19 -29.34
N SER A 293 -25.89 17.01 -30.67
CA SER A 293 -25.86 15.72 -31.36
C SER A 293 -24.48 15.04 -31.26
N GLU A 294 -23.40 15.83 -31.14
CA GLU A 294 -22.02 15.33 -30.99
C GLU A 294 -21.79 14.79 -29.60
N LEU A 295 -22.38 15.43 -28.56
CA LEU A 295 -22.29 15.04 -27.15
C LEU A 295 -23.02 13.71 -26.91
N ASP A 296 -24.26 13.59 -27.46
CA ASP A 296 -25.11 12.39 -27.39
C ASP A 296 -24.46 11.20 -28.16
N LYS A 297 -23.42 11.50 -28.97
CA LYS A 297 -22.64 10.56 -29.77
C LYS A 297 -21.31 10.22 -29.06
N ALA A 298 -20.67 11.22 -28.42
CA ALA A 298 -19.40 11.07 -27.69
C ALA A 298 -19.59 10.26 -26.40
N ILE A 299 -20.67 10.58 -25.64
CA ILE A 299 -21.05 9.91 -24.40
C ILE A 299 -21.80 8.60 -24.75
N GLY A 300 -22.66 8.66 -25.76
CA GLY A 300 -23.49 7.54 -26.21
C GLY A 300 -24.73 7.41 -25.36
N ARG A 301 -25.19 8.55 -24.83
CA ARG A 301 -26.33 8.68 -23.94
C ARG A 301 -27.07 10.00 -24.22
N ASN A 302 -28.41 10.01 -24.06
CA ASN A 302 -29.22 11.21 -24.25
C ASN A 302 -28.94 12.16 -23.07
N THR A 303 -27.97 13.07 -23.28
CA THR A 303 -27.47 14.04 -22.30
C THR A 303 -28.32 15.30 -22.14
N ASN A 304 -28.85 15.86 -23.27
CA ASN A 304 -29.64 17.10 -23.36
C ASN A 304 -28.85 18.34 -22.89
N GLY A 305 -27.54 18.35 -23.19
CA GLY A 305 -26.64 19.43 -22.86
C GLY A 305 -25.97 19.33 -21.50
N VAL A 306 -26.51 18.48 -20.61
CA VAL A 306 -26.00 18.29 -19.25
C VAL A 306 -25.34 16.90 -19.08
N ILE A 307 -24.10 16.90 -18.53
CA ILE A 307 -23.29 15.70 -18.25
C ILE A 307 -22.88 15.68 -16.76
N THR A 308 -22.41 14.51 -16.26
CA THR A 308 -21.97 14.36 -14.86
C THR A 308 -20.46 14.58 -14.71
N LYS A 309 -19.98 14.76 -13.45
CA LYS A 309 -18.57 14.97 -13.08
C LYS A 309 -17.70 13.81 -13.57
N ASP A 310 -18.21 12.57 -13.45
CA ASP A 310 -17.54 11.34 -13.89
C ASP A 310 -17.50 11.25 -15.41
N GLU A 311 -18.60 11.68 -16.10
CA GLU A 311 -18.74 11.70 -17.56
C GLU A 311 -17.75 12.66 -18.22
N ALA A 312 -17.44 13.77 -17.52
CA ALA A 312 -16.50 14.81 -17.95
C ALA A 312 -15.06 14.32 -17.86
N GLU A 313 -14.73 13.53 -16.81
CA GLU A 313 -13.39 12.96 -16.58
C GLU A 313 -13.07 11.90 -17.66
N LYS A 314 -14.08 11.12 -18.08
CA LYS A 314 -13.94 10.07 -19.10
C LYS A 314 -13.54 10.65 -20.44
N LEU A 315 -14.15 11.78 -20.85
CA LEU A 315 -13.81 12.43 -22.13
C LEU A 315 -12.50 13.20 -22.04
N PHE A 316 -12.19 13.82 -20.88
CA PHE A 316 -10.95 14.56 -20.67
C PHE A 316 -9.74 13.63 -20.81
N ASN A 317 -9.85 12.40 -20.25
CA ASN A 317 -8.82 11.38 -20.31
C ASN A 317 -8.56 10.94 -21.75
N GLN A 318 -9.62 10.91 -22.59
CA GLN A 318 -9.56 10.57 -24.02
C GLN A 318 -8.80 11.65 -24.80
N ASP A 319 -8.99 12.93 -24.40
CA ASP A 319 -8.33 14.09 -24.98
C ASP A 319 -6.86 14.12 -24.59
N VAL A 320 -6.54 13.71 -23.34
CA VAL A 320 -5.18 13.62 -22.79
C VAL A 320 -4.39 12.61 -23.61
N ASP A 321 -5.00 11.46 -23.93
CA ASP A 321 -4.40 10.41 -24.75
C ASP A 321 -4.21 10.89 -26.18
N ALA A 322 -5.20 11.60 -26.73
CA ALA A 322 -5.17 12.19 -28.08
C ALA A 322 -4.04 13.21 -28.18
N ALA A 323 -3.87 14.07 -27.16
CA ALA A 323 -2.83 15.09 -27.07
C ALA A 323 -1.46 14.43 -27.00
N VAL A 324 -1.32 13.40 -26.11
CA VAL A 324 -0.10 12.61 -25.90
C VAL A 324 0.33 11.98 -27.22
N ARG A 325 -0.64 11.38 -27.96
CA ARG A 325 -0.41 10.77 -29.28
C ARG A 325 0.19 11.81 -30.24
N GLY A 326 -0.37 13.02 -30.22
CA GLY A 326 0.08 14.14 -31.04
C GLY A 326 1.46 14.66 -30.67
N ILE A 327 1.73 14.81 -29.35
CA ILE A 327 3.02 15.28 -28.80
C ILE A 327 4.13 14.34 -29.28
N LEU A 328 3.87 13.02 -29.22
CA LEU A 328 4.79 11.97 -29.65
C LEU A 328 4.94 11.91 -31.18
N ARG A 329 3.90 12.37 -31.91
CA ARG A 329 3.93 12.47 -33.38
C ARG A 329 4.70 13.74 -33.79
N ASN A 330 4.79 14.73 -32.87
CA ASN A 330 5.47 16.01 -33.06
C ASN A 330 6.95 15.89 -32.74
N ALA A 331 7.81 16.02 -33.78
CA ALA A 331 9.27 15.93 -33.72
C ALA A 331 9.93 16.91 -32.75
N LYS A 332 9.37 18.14 -32.63
CA LYS A 332 9.86 19.20 -31.76
C LYS A 332 9.56 18.87 -30.30
N LEU A 333 8.30 18.49 -30.00
CA LEU A 333 7.78 18.20 -28.66
C LEU A 333 8.05 16.79 -28.11
N LYS A 334 8.41 15.81 -28.98
CA LYS A 334 8.69 14.43 -28.56
C LYS A 334 9.96 14.26 -27.66
N PRO A 335 11.17 14.84 -27.98
CA PRO A 335 12.32 14.64 -27.07
C PRO A 335 12.18 15.37 -25.74
N VAL A 336 11.41 16.47 -25.74
CA VAL A 336 11.14 17.30 -24.57
C VAL A 336 10.19 16.57 -23.62
N TYR A 337 9.10 15.97 -24.16
CA TYR A 337 8.11 15.21 -23.38
C TYR A 337 8.78 14.00 -22.75
N ASP A 338 9.56 13.23 -23.55
CA ASP A 338 10.28 12.03 -23.12
C ASP A 338 11.28 12.30 -21.99
N SER A 339 11.89 13.50 -21.98
CA SER A 339 12.86 13.97 -20.97
C SER A 339 12.21 14.19 -19.59
N LEU A 340 10.99 14.77 -19.57
CA LEU A 340 10.23 15.17 -18.38
C LEU A 340 9.62 14.03 -17.57
N ASP A 341 9.44 14.27 -16.26
CA ASP A 341 8.80 13.39 -15.29
C ASP A 341 7.28 13.53 -15.41
N ALA A 342 6.51 12.76 -14.62
CA ALA A 342 5.05 12.77 -14.61
C ALA A 342 4.40 14.17 -14.38
N VAL A 343 4.96 14.97 -13.47
CA VAL A 343 4.48 16.30 -13.09
C VAL A 343 4.75 17.33 -14.20
N ARG A 344 5.99 17.29 -14.75
CA ARG A 344 6.45 18.22 -15.80
C ARG A 344 5.85 17.90 -17.17
N ARG A 345 5.45 16.62 -17.41
CA ARG A 345 4.78 16.21 -18.65
C ARG A 345 3.35 16.79 -18.65
N ALA A 346 2.74 16.90 -17.44
CA ALA A 346 1.41 17.45 -17.21
C ALA A 346 1.39 18.94 -17.51
N ALA A 347 2.50 19.65 -17.21
CA ALA A 347 2.64 21.07 -17.49
C ALA A 347 2.64 21.30 -18.99
N LEU A 348 3.28 20.37 -19.74
CA LEU A 348 3.35 20.38 -21.20
C LEU A 348 1.98 20.09 -21.81
N ILE A 349 1.23 19.12 -21.23
CA ILE A 349 -0.11 18.72 -21.68
C ILE A 349 -1.10 19.88 -21.46
N ASN A 350 -0.98 20.59 -20.33
CA ASN A 350 -1.80 21.76 -19.99
C ASN A 350 -1.62 22.84 -21.07
N MET A 351 -0.36 23.02 -21.55
CA MET A 351 0.01 23.99 -22.58
C MET A 351 -0.55 23.63 -23.95
N VAL A 352 -0.58 22.34 -24.28
CA VAL A 352 -1.13 21.81 -25.54
C VAL A 352 -2.65 22.07 -25.51
N PHE A 353 -3.29 21.84 -24.35
CA PHE A 353 -4.73 22.07 -24.14
C PHE A 353 -5.14 23.55 -24.36
N GLN A 354 -4.22 24.50 -24.07
CA GLN A 354 -4.39 25.95 -24.17
C GLN A 354 -4.07 26.54 -25.55
N MET A 355 -2.81 26.42 -26.00
CA MET A 355 -2.26 26.97 -27.25
C MET A 355 -2.32 26.06 -28.48
N GLY A 356 -2.27 24.75 -28.25
CA GLY A 356 -2.25 23.75 -29.30
C GLY A 356 -0.84 23.23 -29.47
N GLU A 357 -0.63 22.28 -30.40
CA GLU A 357 0.68 21.71 -30.65
C GLU A 357 1.61 22.72 -31.31
N THR A 358 1.10 23.47 -32.29
CA THR A 358 1.87 24.51 -32.98
C THR A 358 2.23 25.68 -32.04
N GLY A 359 1.43 25.84 -30.98
CA GLY A 359 1.62 26.86 -29.96
C GLY A 359 2.81 26.55 -29.07
N VAL A 360 2.82 25.35 -28.45
CA VAL A 360 3.89 24.89 -27.56
C VAL A 360 5.22 24.74 -28.30
N ALA A 361 5.17 24.28 -29.58
CA ALA A 361 6.34 24.13 -30.45
C ALA A 361 7.10 25.45 -30.65
N GLY A 362 6.39 26.57 -30.56
CA GLY A 362 6.95 27.92 -30.66
C GLY A 362 7.84 28.35 -29.52
N PHE A 363 7.88 27.56 -28.41
CA PHE A 363 8.71 27.83 -27.22
C PHE A 363 10.10 27.14 -27.34
N THR A 364 10.71 27.26 -28.55
CA THR A 364 11.99 26.71 -29.02
C THR A 364 13.10 26.68 -27.94
N ASN A 365 13.51 27.86 -27.43
CA ASN A 365 14.60 27.99 -26.43
C ASN A 365 14.18 27.57 -25.02
N SER A 366 12.90 27.70 -24.67
CA SER A 366 12.36 27.33 -23.37
C SER A 366 12.27 25.80 -23.25
N LEU A 367 11.82 25.10 -24.32
CA LEU A 367 11.72 23.64 -24.41
C LEU A 367 13.12 23.02 -24.39
N ARG A 368 14.08 23.71 -25.04
CA ARG A 368 15.50 23.35 -25.11
C ARG A 368 16.06 23.29 -23.68
N MET A 369 15.76 24.31 -22.87
CA MET A 369 16.18 24.43 -21.47
C MET A 369 15.51 23.36 -20.59
N LEU A 370 14.20 23.08 -20.83
CA LEU A 370 13.44 22.06 -20.10
C LEU A 370 13.96 20.66 -20.40
N GLN A 371 14.36 20.43 -21.66
CA GLN A 371 14.95 19.17 -22.14
C GLN A 371 16.26 18.91 -21.40
N GLN A 372 17.07 19.99 -21.22
CA GLN A 372 18.38 20.03 -20.56
C GLN A 372 18.31 20.15 -19.03
N LYS A 373 17.10 20.04 -18.45
CA LYS A 373 16.76 20.08 -17.02
C LYS A 373 17.16 21.41 -16.29
N ARG A 374 17.17 22.55 -17.01
CA ARG A 374 17.46 23.88 -16.46
C ARG A 374 16.14 24.51 -16.00
N TRP A 375 15.51 23.92 -14.96
CA TRP A 375 14.21 24.33 -14.42
C TRP A 375 14.13 25.82 -14.03
N ASP A 376 15.21 26.37 -13.44
CA ASP A 376 15.24 27.78 -13.05
C ASP A 376 15.43 28.72 -14.24
N GLU A 377 16.25 28.31 -15.23
CA GLU A 377 16.51 29.08 -16.45
C GLU A 377 15.28 29.09 -17.34
N ALA A 378 14.59 27.94 -17.44
CA ALA A 378 13.37 27.78 -18.25
C ALA A 378 12.20 28.58 -17.65
N ALA A 379 12.15 28.70 -16.31
CA ALA A 379 11.12 29.46 -15.60
C ALA A 379 11.22 30.97 -15.88
N VAL A 380 12.44 31.43 -16.20
CA VAL A 380 12.75 32.84 -16.53
C VAL A 380 12.27 33.11 -17.97
N ASN A 381 12.62 32.21 -18.92
CA ASN A 381 12.30 32.30 -20.34
C ASN A 381 10.81 32.14 -20.65
N LEU A 382 10.12 31.21 -19.96
CA LEU A 382 8.68 30.98 -20.15
C LEU A 382 7.83 32.15 -19.67
N ALA A 383 8.39 33.02 -18.81
CA ALA A 383 7.76 34.24 -18.28
C ALA A 383 8.00 35.44 -19.20
N LYS A 384 8.99 35.34 -20.11
CA LYS A 384 9.34 36.37 -21.08
C LYS A 384 8.50 36.27 -22.37
N SER A 385 7.40 35.48 -22.33
CA SER A 385 6.52 35.23 -23.48
C SER A 385 5.26 36.11 -23.55
N ARG A 386 4.60 36.08 -24.73
CA ARG A 386 3.34 36.76 -25.05
C ARG A 386 2.18 35.98 -24.39
N TRP A 387 2.41 34.67 -24.12
CA TRP A 387 1.49 33.75 -23.46
C TRP A 387 1.34 34.14 -21.98
N TYR A 388 2.47 34.47 -21.33
CA TYR A 388 2.55 34.87 -19.93
C TYR A 388 1.84 36.21 -19.70
N ASN A 389 2.11 37.21 -20.57
CA ASN A 389 1.51 38.54 -20.44
C ASN A 389 -0.02 38.49 -20.57
N GLN A 390 -0.52 37.69 -21.53
CA GLN A 390 -1.95 37.57 -21.82
C GLN A 390 -2.70 36.80 -20.73
N THR A 391 -2.28 35.56 -20.41
CA THR A 391 -2.89 34.76 -19.34
C THR A 391 -1.88 34.58 -18.19
N PRO A 392 -1.63 35.61 -17.33
CA PRO A 392 -0.63 35.45 -16.27
C PRO A 392 -0.97 34.44 -15.18
N ASN A 393 -2.22 34.47 -14.68
CA ASN A 393 -2.70 33.58 -13.60
C ASN A 393 -2.45 32.10 -13.89
N ARG A 394 -2.77 31.65 -15.13
CA ARG A 394 -2.57 30.27 -15.56
C ARG A 394 -1.06 30.02 -15.81
N ALA A 395 -0.39 30.92 -16.57
CA ALA A 395 1.05 30.85 -16.88
C ALA A 395 1.92 30.72 -15.65
N LYS A 396 1.74 31.62 -14.65
CA LYS A 396 2.47 31.61 -13.37
C LYS A 396 2.40 30.24 -12.71
N ARG A 397 1.23 29.57 -12.77
CA ARG A 397 1.03 28.23 -12.21
C ARG A 397 1.78 27.17 -13.01
N VAL A 398 1.58 27.13 -14.35
CA VAL A 398 2.23 26.19 -15.29
C VAL A 398 3.77 26.29 -15.19
N ILE A 399 4.30 27.54 -15.11
CA ILE A 399 5.73 27.84 -14.98
C ILE A 399 6.29 27.29 -13.66
N THR A 400 5.59 27.54 -12.53
CA THR A 400 5.97 27.05 -11.19
C THR A 400 6.04 25.52 -11.17
N THR A 401 5.16 24.84 -11.92
CA THR A 401 5.14 23.38 -12.03
C THR A 401 6.34 22.89 -12.89
N PHE A 402 6.72 23.66 -13.92
CA PHE A 402 7.87 23.34 -14.77
C PHE A 402 9.19 23.57 -14.05
N ARG A 403 9.18 24.39 -12.97
CA ARG A 403 10.37 24.74 -12.18
C ARG A 403 10.55 23.83 -10.95
N THR A 404 9.49 23.64 -10.14
CA THR A 404 9.56 22.82 -8.92
C THR A 404 9.45 21.31 -9.19
N GLY A 405 8.59 20.94 -10.13
CA GLY A 405 8.32 19.54 -10.49
C GLY A 405 7.33 18.90 -9.55
N THR A 406 6.50 19.74 -8.90
CA THR A 406 5.49 19.33 -7.92
C THR A 406 4.21 20.15 -8.05
N TRP A 407 3.11 19.65 -7.46
CA TRP A 407 1.78 20.29 -7.50
C TRP A 407 1.62 21.43 -6.49
N ASP A 408 2.74 22.01 -6.00
CA ASP A 408 2.73 23.13 -5.04
C ASP A 408 2.14 24.40 -5.65
N ALA A 409 2.19 24.51 -7.00
CA ALA A 409 1.63 25.64 -7.73
C ALA A 409 0.10 25.59 -7.65
N TYR A 410 -0.46 24.37 -7.67
CA TYR A 410 -1.88 24.08 -7.59
C TYR A 410 -2.17 23.60 -6.16
N ASP A 411 -2.04 24.54 -5.20
CA ASP A 411 -2.24 24.28 -3.77
C ASP A 411 -3.68 23.91 -3.41
N ASN A 412 -4.66 24.28 -4.27
CA ASN A 412 -6.08 23.95 -4.08
C ASN A 412 -6.27 22.41 -4.04
N LYS A 413 -5.38 21.67 -4.76
CA LYS A 413 -5.38 20.20 -4.82
C LYS A 413 -4.62 19.58 -3.64
N TYR A 414 -5.21 19.70 -2.43
CA TYR A 414 -4.66 19.11 -1.21
C TYR A 414 -5.28 17.73 -0.94
N ARG A 415 -6.40 17.43 -1.64
CA ARG A 415 -7.11 16.15 -1.56
C ARG A 415 -6.31 15.07 -2.27
N SER A 416 -5.55 15.45 -3.32
CA SER A 416 -4.69 14.55 -4.09
C SER A 416 -3.41 14.23 -3.30
N SER A 417 -2.94 15.18 -2.45
CA SER A 417 -1.74 15.09 -1.62
C SER A 417 -1.92 14.18 -0.41
N GLU A 418 -3.15 14.14 0.15
CA GLU A 418 -3.49 13.34 1.32
C GLU A 418 -3.54 11.83 1.03
N THR A 419 -4.30 11.40 0.00
CA THR A 419 -4.41 9.98 -0.38
C THR A 419 -3.09 9.42 -0.93
N LYS A 420 -2.18 10.31 -1.37
CA LYS A 420 -0.83 9.98 -1.85
C LYS A 420 -0.01 9.51 -0.65
N ARG A 421 -0.17 10.20 0.51
CA ARG A 421 0.49 9.90 1.78
C ARG A 421 -0.07 8.60 2.41
N ILE A 422 -1.41 8.40 2.35
CA ILE A 422 -2.10 7.23 2.92
C ILE A 422 -1.68 5.93 2.18
N ASN A 423 -1.72 5.93 0.84
CA ASN A 423 -1.34 4.77 0.01
C ASN A 423 0.15 4.42 0.12
N ILE A 424 1.03 5.42 0.35
CA ILE A 424 2.48 5.23 0.52
C ILE A 424 2.76 4.53 1.87
N MET A 425 1.99 4.93 2.90
CA MET A 425 2.05 4.36 4.26
C MET A 425 1.56 2.92 4.21
N LEU A 426 0.38 2.69 3.58
CA LEU A 426 -0.23 1.36 3.45
C LEU A 426 0.63 0.39 2.66
N LEU A 427 1.37 0.90 1.64
CA LEU A 427 2.29 0.07 0.86
C LEU A 427 3.51 -0.28 1.73
N SER A 428 4.00 0.69 2.53
CA SER A 428 5.13 0.50 3.44
C SER A 428 4.84 -0.53 4.54
N ILE A 429 3.54 -0.65 4.97
CA ILE A 429 3.08 -1.63 5.96
C ILE A 429 3.24 -3.05 5.38
N VAL A 430 2.83 -3.23 4.09
CA VAL A 430 2.91 -4.50 3.32
C VAL A 430 4.37 -4.95 3.17
N VAL A 431 5.26 -4.03 2.75
CA VAL A 431 6.70 -4.27 2.55
C VAL A 431 7.35 -4.67 3.89
N ALA A 432 7.03 -3.92 4.98
CA ALA A 432 7.54 -4.19 6.32
C ALA A 432 7.07 -5.56 6.82
N PHE A 433 5.82 -5.95 6.48
CA PHE A 433 5.27 -7.25 6.84
C PHE A 433 6.03 -8.35 6.10
N ALA A 434 6.16 -8.19 4.76
CA ALA A 434 6.86 -9.12 3.87
C ALA A 434 8.32 -9.32 4.26
N VAL A 435 9.05 -8.22 4.50
CA VAL A 435 10.46 -8.27 4.86
C VAL A 435 10.66 -8.91 6.25
N CYS A 436 9.85 -8.51 7.27
CA CYS A 436 9.92 -9.05 8.64
C CYS A 436 9.85 -10.58 8.69
N TRP A 437 8.84 -11.17 8.01
CA TRP A 437 8.60 -12.61 7.99
C TRP A 437 9.52 -13.38 7.07
N LEU A 438 10.11 -12.70 6.07
CA LEU A 438 10.99 -13.33 5.08
C LEU A 438 12.18 -14.14 5.69
N PRO A 439 12.98 -13.67 6.69
CA PRO A 439 14.06 -14.52 7.23
C PRO A 439 13.59 -15.82 7.90
N LEU A 440 12.45 -15.79 8.60
CA LEU A 440 11.90 -16.98 9.25
C LEU A 440 11.30 -17.93 8.24
N THR A 441 10.69 -17.38 7.17
CA THR A 441 10.09 -18.16 6.06
C THR A 441 11.18 -18.95 5.33
N ILE A 442 12.38 -18.34 5.15
CA ILE A 442 13.53 -18.99 4.52
C ILE A 442 14.08 -20.05 5.48
N PHE A 443 14.29 -19.69 6.76
CA PHE A 443 14.79 -20.62 7.77
C PHE A 443 13.92 -21.88 7.85
N ASN A 444 12.58 -21.70 7.89
CA ASN A 444 11.61 -22.79 7.98
C ASN A 444 11.61 -23.70 6.75
N THR A 445 11.64 -23.14 5.51
CA THR A 445 11.65 -23.98 4.29
C THR A 445 12.97 -24.70 4.10
N VAL A 446 14.09 -23.99 4.32
CA VAL A 446 15.44 -24.56 4.20
C VAL A 446 15.56 -25.82 5.08
N PHE A 447 15.04 -25.74 6.33
CA PHE A 447 15.07 -26.86 7.28
C PHE A 447 13.88 -27.84 7.12
N ASP A 448 12.99 -27.59 6.14
CA ASP A 448 11.89 -28.50 5.82
C ASP A 448 12.35 -29.44 4.74
N TRP A 449 13.24 -28.95 3.86
CA TRP A 449 13.87 -29.73 2.80
C TRP A 449 15.08 -30.49 3.36
N ASN A 450 15.78 -29.90 4.34
CA ASN A 450 16.93 -30.46 5.04
C ASN A 450 16.54 -30.83 6.48
N HIS A 451 15.49 -31.68 6.58
CA HIS A 451 14.89 -32.18 7.82
C HIS A 451 15.79 -33.12 8.60
N GLN A 452 16.80 -33.70 7.93
CA GLN A 452 17.77 -34.64 8.51
C GLN A 452 18.72 -33.94 9.48
N ILE A 453 19.11 -32.70 9.16
CA ILE A 453 20.05 -31.82 9.89
C ILE A 453 19.65 -31.60 11.36
N ILE A 454 20.63 -31.79 12.27
CA ILE A 454 20.50 -31.66 13.72
C ILE A 454 20.71 -30.19 14.18
N ALA A 455 19.79 -29.68 15.03
CA ALA A 455 19.81 -28.32 15.57
C ALA A 455 21.00 -28.08 16.52
N THR A 456 21.91 -27.17 16.14
CA THR A 456 23.11 -26.80 16.90
C THR A 456 22.90 -25.45 17.61
N CYS A 457 23.93 -24.96 18.34
CA CYS A 457 23.90 -23.67 19.05
C CYS A 457 23.87 -22.53 18.02
N ASN A 458 24.56 -22.73 16.88
CA ASN A 458 24.63 -21.79 15.76
C ASN A 458 23.27 -21.68 15.08
N HIS A 459 22.53 -22.81 14.98
CA HIS A 459 21.18 -22.87 14.41
C HIS A 459 20.20 -22.14 15.29
N ASN A 460 20.25 -22.40 16.63
CA ASN A 460 19.38 -21.77 17.62
C ASN A 460 19.55 -20.24 17.68
N LEU A 461 20.80 -19.75 17.49
CA LEU A 461 21.08 -18.32 17.47
C LEU A 461 20.50 -17.69 16.20
N LEU A 462 20.73 -18.34 15.03
CA LEU A 462 20.22 -17.92 13.72
C LEU A 462 18.70 -17.91 13.74
N PHE A 463 18.08 -18.95 14.35
CA PHE A 463 16.62 -19.06 14.50
C PHE A 463 16.04 -17.93 15.34
N LEU A 464 16.71 -17.56 16.46
CA LEU A 464 16.25 -16.47 17.34
C LEU A 464 16.40 -15.13 16.64
N LEU A 465 17.42 -14.96 15.78
CA LEU A 465 17.62 -13.74 15.01
C LEU A 465 16.58 -13.61 13.89
N CYS A 466 16.06 -14.75 13.39
CA CYS A 466 15.02 -14.82 12.36
C CYS A 466 13.64 -14.62 13.03
N HIS A 467 13.43 -15.31 14.17
CA HIS A 467 12.19 -15.28 14.96
C HIS A 467 11.89 -13.88 15.44
N LEU A 468 12.92 -13.16 15.93
CA LEU A 468 12.80 -11.77 16.41
C LEU A 468 12.43 -10.82 15.28
N THR A 469 13.12 -10.92 14.10
CA THR A 469 12.84 -10.11 12.91
C THR A 469 11.37 -10.30 12.47
N ALA A 470 10.88 -11.55 12.51
CA ALA A 470 9.49 -11.90 12.21
C ALA A 470 8.57 -11.28 13.28
N MET A 471 8.94 -11.39 14.57
CA MET A 471 8.18 -10.85 15.70
C MET A 471 8.06 -9.32 15.66
N ILE A 472 9.05 -8.63 15.05
CA ILE A 472 9.08 -7.18 14.87
C ILE A 472 7.87 -6.71 14.03
N SER A 473 7.31 -7.56 13.14
CA SER A 473 6.13 -7.23 12.32
C SER A 473 4.93 -6.79 13.16
N THR A 474 4.88 -7.24 14.44
CA THR A 474 3.81 -6.89 15.37
C THR A 474 3.90 -5.40 15.74
N CYS A 475 5.12 -4.82 15.66
CA CYS A 475 5.43 -3.42 15.97
C CYS A 475 5.33 -2.49 14.77
N VAL A 476 5.54 -2.98 13.54
CA VAL A 476 5.50 -2.13 12.33
C VAL A 476 4.07 -1.59 12.06
N ASN A 477 3.01 -2.31 12.49
CA ASN A 477 1.63 -1.85 12.32
C ASN A 477 1.35 -0.53 13.11
N PRO A 478 1.59 -0.41 14.45
CA PRO A 478 1.34 0.89 15.11
C PRO A 478 2.38 2.02 14.85
N ILE A 479 3.67 1.69 14.56
CA ILE A 479 4.72 2.71 14.30
C ILE A 479 4.53 3.41 12.95
N PHE A 480 4.10 2.67 11.90
CA PHE A 480 3.85 3.22 10.57
C PHE A 480 2.50 3.92 10.56
N TYR A 481 1.55 3.46 11.39
CA TYR A 481 0.21 4.03 11.52
C TYR A 481 0.15 5.10 12.61
N GLY A 482 1.30 5.40 13.22
CA GLY A 482 1.42 6.40 14.28
C GLY A 482 2.37 7.53 13.94
N PHE A 483 3.63 7.19 13.63
CA PHE A 483 4.67 8.17 13.32
C PHE A 483 4.63 8.69 11.86
N LEU A 484 3.81 8.07 10.99
CA LEU A 484 3.63 8.48 9.59
C LEU A 484 2.20 8.99 9.31
N ASN A 485 1.22 8.57 10.15
CA ASN A 485 -0.18 9.00 10.05
C ASN A 485 -0.37 10.22 10.96
N LYS A 486 -0.75 11.38 10.37
CA LYS A 486 -0.95 12.67 11.06
C LYS A 486 -2.07 12.66 12.10
N ASN A 487 -3.21 12.00 11.80
CA ASN A 487 -4.38 11.90 12.67
C ASN A 487 -4.10 11.18 14.00
N PHE A 488 -3.32 10.09 13.94
CA PHE A 488 -2.99 9.24 15.07
C PHE A 488 -1.92 9.80 16.03
N GLN A 489 -0.84 10.43 15.50
CA GLN A 489 0.25 10.95 16.34
C GLN A 489 -0.20 12.00 17.36
N ARG A 490 -1.09 12.92 16.95
CA ARG A 490 -1.63 13.95 17.84
C ARG A 490 -2.67 13.34 18.78
N ASP A 491 -3.42 12.32 18.30
CA ASP A 491 -4.46 11.63 19.06
C ASP A 491 -3.91 10.73 20.15
N LEU A 492 -2.75 10.05 19.92
CA LEU A 492 -2.14 9.17 20.93
C LEU A 492 -1.50 9.99 22.07
N GLN A 493 -1.05 11.23 21.75
CA GLN A 493 -0.44 12.16 22.70
C GLN A 493 -1.53 12.81 23.57
N PHE A 494 -2.71 13.11 22.97
CA PHE A 494 -3.87 13.70 23.64
C PHE A 494 -4.70 12.65 24.42
N PHE A 495 -4.18 11.40 24.50
CA PHE A 495 -4.77 10.27 25.21
C PHE A 495 -3.82 9.80 26.33
N PHE A 496 -2.51 9.77 26.05
CA PHE A 496 -1.46 9.37 27.01
C PHE A 496 -1.28 10.44 28.09
N ASN A 497 -1.21 11.72 27.70
CA ASN A 497 -1.07 12.88 28.61
C ASN A 497 -2.40 13.20 29.33
N PHE A 498 -3.53 12.79 28.72
CA PHE A 498 -4.88 12.97 29.28
C PHE A 498 -5.11 12.03 30.46
N CYS A 499 -4.50 10.82 30.43
CA CYS A 499 -4.58 9.78 31.47
C CYS A 499 -3.97 10.23 32.81
N ASP A 500 -3.09 11.24 32.78
CA ASP A 500 -2.41 11.82 33.93
C ASP A 500 -3.25 12.97 34.52
#